data_1HL3
#
_entry.id   1HL3
#
_cell.length_a   84.811
_cell.length_b   84.811
_cell.length_c   159.719
_cell.angle_alpha   90.00
_cell.angle_beta   90.00
_cell.angle_gamma   120.00
#
_symmetry.space_group_name_H-M   'P 64 2 2'
#
loop_
_entity.id
_entity.type
_entity.pdbx_description
1 polymer 'C-TERMINAL BINDING PROTEIN 3'
2 polymer 'PRO-ILE-ASP-LEU-SER-LYS-LYS PEPTIDE'
3 non-polymer NICOTINAMIDE-ADENINE-DINUCLEOTIDE
4 water water
#
loop_
_entity_poly.entity_id
_entity_poly.type
_entity_poly.pdbx_seq_one_letter_code
_entity_poly.pdbx_strand_id
1 'polypeptide(L)'
;MGHHHHHHMSGVRPPIMNGPMHPRPLVALLDGRDCTVEMPILKDVATVAFCDAQSTQEIHEKVLNEAVGALMYHTITLTR
EDLEKFKALRIIVRIGSGFDNIDIKSAGDLGIAVCNVPAASVEETADSTLCHILNLYRRTTWLHQALREGTRVQSVEQIR
EVASGAARIRGETLGIIGLGRVGQAVALRAKAFGFNVLFYDPYLSDGIERALGLQRVSTLQDLLFHSDCVTLHCGLNEHN
HHLINDFTVKQMRQGAFLVNTARGGLVDEKALAQALKEGRIRGAALDVHESEPFSFSQGPLKDAPNLICTPHAAWYSEQA
SIEMREEAAREIRRAITGRIPDSLKNCVNKDHLTAATH
;
A
2 'polypeptide(L)' PIDLSKK B
#
# COMPACT_ATOMS: atom_id res chain seq x y z
N PRO A 23 23.85 -28.51 -4.44
CA PRO A 23 22.85 -29.27 -5.23
C PRO A 23 21.56 -28.48 -5.41
N ARG A 24 21.05 -27.94 -4.31
CA ARG A 24 19.82 -27.16 -4.31
C ARG A 24 20.04 -25.78 -3.71
N PRO A 25 19.95 -24.72 -4.53
CA PRO A 25 20.15 -23.35 -4.05
C PRO A 25 19.31 -23.06 -2.80
N LEU A 26 19.63 -21.96 -2.13
CA LEU A 26 18.90 -21.59 -0.92
C LEU A 26 18.07 -20.33 -1.10
N VAL A 27 16.85 -20.35 -0.57
CA VAL A 27 15.94 -19.21 -0.64
C VAL A 27 15.43 -18.97 0.79
N ALA A 28 15.47 -17.72 1.24
CA ALA A 28 15.02 -17.40 2.59
C ALA A 28 13.90 -16.37 2.64
N LEU A 29 12.92 -16.61 3.51
CA LEU A 29 11.81 -15.71 3.70
C LEU A 29 12.23 -14.70 4.77
N LEU A 30 12.86 -13.61 4.32
CA LEU A 30 13.36 -12.58 5.21
C LEU A 30 12.43 -12.17 6.35
N ASP A 31 11.40 -11.40 6.04
CA ASP A 31 10.46 -10.93 7.06
C ASP A 31 9.23 -11.81 7.24
N GLY A 32 9.45 -13.03 7.73
CA GLY A 32 8.36 -13.95 7.95
C GLY A 32 8.87 -15.31 8.40
N ARG A 33 7.94 -16.22 8.70
CA ARG A 33 8.32 -17.56 9.14
C ARG A 33 7.26 -18.60 8.80
N ASP A 34 6.58 -18.40 7.68
CA ASP A 34 5.55 -19.33 7.22
C ASP A 34 5.76 -19.58 5.72
N CYS A 35 6.16 -20.81 5.39
CA CYS A 35 6.42 -21.17 4.00
C CYS A 35 5.49 -22.28 3.53
N THR A 36 4.40 -22.50 4.26
CA THR A 36 3.45 -23.56 3.92
C THR A 36 2.90 -23.45 2.50
N VAL A 37 2.72 -22.23 2.02
CA VAL A 37 2.19 -22.01 0.68
C VAL A 37 3.27 -22.11 -0.40
N GLU A 38 4.38 -21.41 -0.21
CA GLU A 38 5.47 -21.41 -1.17
C GLU A 38 6.14 -22.79 -1.31
N MET A 39 6.34 -23.45 -0.18
CA MET A 39 7.00 -24.76 -0.13
C MET A 39 6.62 -25.78 -1.21
N PRO A 40 5.31 -26.05 -1.40
CA PRO A 40 4.87 -27.01 -2.41
C PRO A 40 5.38 -26.73 -3.83
N ILE A 41 5.98 -25.55 -4.01
CA ILE A 41 6.50 -25.15 -5.32
C ILE A 41 8.02 -25.10 -5.35
N LEU A 42 8.64 -24.98 -4.18
CA LEU A 42 10.09 -24.92 -4.08
C LEU A 42 10.64 -26.13 -3.35
N LYS A 43 9.76 -27.07 -3.03
CA LYS A 43 10.12 -28.29 -2.32
C LYS A 43 11.19 -29.13 -3.01
N ASP A 44 11.26 -29.05 -4.33
CA ASP A 44 12.23 -29.85 -5.08
C ASP A 44 13.29 -29.06 -5.82
N VAL A 45 13.23 -27.73 -5.75
CA VAL A 45 14.20 -26.90 -6.45
C VAL A 45 14.94 -25.92 -5.55
N ALA A 46 14.72 -26.02 -4.24
CA ALA A 46 15.40 -25.13 -3.31
C ALA A 46 15.28 -25.56 -1.85
N THR A 47 16.04 -24.91 -0.99
CA THR A 47 16.05 -25.20 0.43
C THR A 47 15.42 -24.00 1.13
N VAL A 48 14.09 -23.97 1.17
CA VAL A 48 13.36 -22.87 1.80
C VAL A 48 13.51 -22.87 3.32
N ALA A 49 13.79 -21.69 3.86
CA ALA A 49 13.94 -21.51 5.30
C ALA A 49 13.43 -20.13 5.65
N PHE A 50 13.26 -19.86 6.94
CA PHE A 50 12.77 -18.54 7.35
C PHE A 50 13.64 -17.88 8.42
N CYS A 51 13.75 -16.57 8.34
CA CYS A 51 14.54 -15.80 9.29
C CYS A 51 13.65 -14.98 10.21
N ASP A 52 12.53 -14.51 9.67
CA ASP A 52 11.59 -13.70 10.43
C ASP A 52 12.33 -12.48 10.97
N ALA A 53 13.24 -11.95 10.15
CA ALA A 53 14.03 -10.79 10.53
C ALA A 53 13.28 -9.48 10.32
N GLN A 54 12.69 -8.95 11.39
CA GLN A 54 11.97 -7.70 11.31
C GLN A 54 12.98 -6.59 11.02
N SER A 55 14.25 -6.91 11.16
CA SER A 55 15.32 -5.97 10.91
C SER A 55 16.35 -6.57 9.95
N THR A 56 17.05 -5.71 9.23
CA THR A 56 18.06 -6.13 8.27
C THR A 56 19.26 -6.82 8.90
N GLN A 57 19.46 -6.61 10.20
CA GLN A 57 20.59 -7.20 10.90
C GLN A 57 20.24 -8.50 11.64
N GLU A 58 18.95 -8.73 11.87
CA GLU A 58 18.50 -9.93 12.56
C GLU A 58 18.56 -11.16 11.66
N ILE A 59 19.01 -10.96 10.42
CA ILE A 59 19.12 -12.06 9.48
C ILE A 59 20.26 -13.01 9.87
N HIS A 60 20.04 -14.29 9.66
CA HIS A 60 21.04 -15.30 10.00
C HIS A 60 22.27 -15.10 9.11
N GLU A 61 23.45 -15.35 9.68
CA GLU A 61 24.70 -15.18 8.96
C GLU A 61 24.72 -15.97 7.65
N LYS A 62 24.61 -17.29 7.76
CA LYS A 62 24.63 -18.16 6.58
C LYS A 62 23.63 -17.77 5.50
N VAL A 63 22.56 -17.08 5.89
CA VAL A 63 21.56 -16.65 4.93
C VAL A 63 22.15 -15.53 4.08
N LEU A 64 22.86 -14.61 4.73
CA LEU A 64 23.49 -13.50 4.04
C LEU A 64 24.69 -14.00 3.23
N ASN A 65 25.07 -15.25 3.48
CA ASN A 65 26.22 -15.84 2.79
C ASN A 65 25.83 -16.74 1.63
N GLU A 66 24.94 -17.71 1.89
CA GLU A 66 24.51 -18.64 0.87
C GLU A 66 23.01 -18.57 0.58
N ALA A 67 22.58 -17.51 -0.11
CA ALA A 67 21.17 -17.36 -0.44
C ALA A 67 21.02 -16.86 -1.87
N VAL A 68 20.84 -17.79 -2.81
CA VAL A 68 20.68 -17.44 -4.22
C VAL A 68 19.47 -16.54 -4.44
N GLY A 69 18.40 -16.81 -3.70
CA GLY A 69 17.19 -16.01 -3.82
C GLY A 69 16.70 -15.54 -2.47
N ALA A 70 15.65 -14.72 -2.47
CA ALA A 70 15.10 -14.20 -1.22
C ALA A 70 13.65 -13.73 -1.38
N LEU A 71 12.80 -14.20 -0.47
CA LEU A 71 11.38 -13.83 -0.48
C LEU A 71 11.12 -12.86 0.66
N MET A 72 10.63 -11.67 0.34
CA MET A 72 10.37 -10.67 1.35
C MET A 72 9.05 -9.93 1.13
N TYR A 73 8.47 -9.45 2.22
CA TYR A 73 7.22 -8.71 2.17
C TYR A 73 7.47 -7.20 2.10
N HIS A 74 7.01 -6.47 3.11
CA HIS A 74 7.21 -5.03 3.13
C HIS A 74 7.74 -4.54 4.47
N THR A 75 7.49 -5.31 5.51
CA THR A 75 7.94 -4.96 6.86
C THR A 75 9.45 -4.93 7.02
N ILE A 76 10.16 -4.61 5.94
CA ILE A 76 11.62 -4.54 5.96
C ILE A 76 12.13 -3.87 4.70
N THR A 77 12.97 -2.86 4.86
CA THR A 77 13.52 -2.14 3.72
C THR A 77 14.95 -2.61 3.42
N LEU A 78 15.38 -2.43 2.18
CA LEU A 78 16.72 -2.82 1.79
C LEU A 78 17.43 -1.72 1.02
N THR A 79 18.43 -1.12 1.66
CA THR A 79 19.22 -0.06 1.05
C THR A 79 20.47 -0.72 0.46
N ARG A 80 21.14 0.00 -0.43
CA ARG A 80 22.36 -0.53 -1.05
C ARG A 80 23.30 -1.06 0.02
N GLU A 81 23.38 -0.35 1.14
CA GLU A 81 24.23 -0.73 2.25
C GLU A 81 23.90 -2.15 2.70
N ASP A 82 22.62 -2.51 2.64
CA ASP A 82 22.16 -3.83 3.05
C ASP A 82 22.46 -4.90 1.99
N LEU A 83 21.99 -4.65 0.78
CA LEU A 83 22.17 -5.57 -0.34
C LEU A 83 23.61 -6.03 -0.54
N GLU A 84 24.56 -5.11 -0.45
CA GLU A 84 25.97 -5.45 -0.64
C GLU A 84 26.48 -6.43 0.40
N LYS A 85 25.61 -6.84 1.32
CA LYS A 85 25.97 -7.80 2.37
C LYS A 85 25.64 -9.23 1.92
N PHE A 86 24.76 -9.34 0.93
CA PHE A 86 24.35 -10.64 0.41
C PHE A 86 25.34 -11.10 -0.65
N LYS A 87 26.14 -12.10 -0.28
CA LYS A 87 27.16 -12.65 -1.18
C LYS A 87 26.62 -13.41 -2.37
N ALA A 88 25.78 -14.42 -2.11
CA ALA A 88 25.22 -15.24 -3.17
C ALA A 88 23.86 -14.80 -3.70
N LEU A 89 23.30 -13.75 -3.12
CA LEU A 89 22.00 -13.25 -3.57
C LEU A 89 22.01 -12.80 -5.02
N ARG A 90 21.04 -13.28 -5.80
CA ARG A 90 20.93 -12.93 -7.21
C ARG A 90 19.52 -12.47 -7.57
N ILE A 91 18.55 -12.76 -6.72
CA ILE A 91 17.18 -12.36 -6.99
C ILE A 91 16.34 -12.19 -5.73
N ILE A 92 15.60 -11.09 -5.68
CA ILE A 92 14.73 -10.79 -4.55
C ILE A 92 13.30 -10.70 -5.05
N VAL A 93 12.40 -11.49 -4.46
CA VAL A 93 11.00 -11.47 -4.87
C VAL A 93 10.15 -10.85 -3.78
N ARG A 94 9.53 -9.71 -4.11
CA ARG A 94 8.68 -9.00 -3.16
C ARG A 94 7.26 -9.53 -3.28
N ILE A 95 6.78 -10.19 -2.23
CA ILE A 95 5.43 -10.74 -2.22
C ILE A 95 4.42 -9.61 -2.07
N GLY A 96 4.09 -8.99 -3.19
CA GLY A 96 3.15 -7.88 -3.19
C GLY A 96 3.45 -7.00 -4.39
N SER A 97 2.64 -5.95 -4.57
CA SER A 97 2.85 -5.05 -5.70
C SER A 97 3.74 -3.86 -5.34
N GLY A 98 4.07 -3.73 -4.07
CA GLY A 98 4.90 -2.62 -3.63
C GLY A 98 6.37 -2.96 -3.51
N PHE A 99 7.20 -2.24 -4.25
CA PHE A 99 8.65 -2.45 -4.22
C PHE A 99 9.36 -1.12 -3.97
N ASP A 100 8.83 -0.34 -3.04
CA ASP A 100 9.39 0.96 -2.68
C ASP A 100 10.34 0.79 -1.50
N ASN A 101 10.20 -0.31 -0.78
CA ASN A 101 11.03 -0.60 0.37
C ASN A 101 12.35 -1.23 -0.07
N ILE A 102 12.51 -1.38 -1.39
CA ILE A 102 13.73 -1.95 -1.95
C ILE A 102 14.35 -0.99 -2.96
N ASP A 103 15.67 -0.82 -2.87
CA ASP A 103 16.38 0.06 -3.78
C ASP A 103 16.59 -0.70 -5.08
N ILE A 104 15.50 -0.96 -5.80
CA ILE A 104 15.55 -1.69 -7.06
C ILE A 104 16.71 -1.27 -7.96
N LYS A 105 17.12 -0.02 -7.87
CA LYS A 105 18.23 0.48 -8.69
C LYS A 105 19.57 -0.06 -8.20
N SER A 106 20.00 0.40 -7.03
CA SER A 106 21.26 -0.07 -6.46
C SER A 106 21.28 -1.60 -6.51
N ALA A 107 20.11 -2.19 -6.31
CA ALA A 107 19.96 -3.64 -6.35
C ALA A 107 20.32 -4.15 -7.73
N GLY A 108 19.65 -3.63 -8.74
CA GLY A 108 19.91 -4.04 -10.11
C GLY A 108 21.38 -3.90 -10.46
N ASP A 109 21.95 -2.73 -10.18
CA ASP A 109 23.35 -2.48 -10.48
C ASP A 109 24.29 -3.46 -9.78
N LEU A 110 23.77 -4.14 -8.75
CA LEU A 110 24.56 -5.12 -8.01
C LEU A 110 24.47 -6.50 -8.65
N GLY A 111 23.56 -6.65 -9.59
CA GLY A 111 23.38 -7.93 -10.26
C GLY A 111 22.25 -8.77 -9.70
N ILE A 112 21.47 -8.20 -8.80
CA ILE A 112 20.35 -8.91 -8.19
C ILE A 112 19.02 -8.43 -8.75
N ALA A 113 18.28 -9.36 -9.35
CA ALA A 113 16.98 -9.05 -9.95
C ALA A 113 15.89 -8.94 -8.88
N VAL A 114 14.98 -7.99 -9.07
CA VAL A 114 13.89 -7.78 -8.12
C VAL A 114 12.54 -7.88 -8.82
N CYS A 115 11.69 -8.76 -8.32
CA CYS A 115 10.37 -8.96 -8.89
C CYS A 115 9.28 -8.56 -7.89
N ASN A 116 8.04 -8.55 -8.37
CA ASN A 116 6.89 -8.20 -7.54
C ASN A 116 5.65 -8.88 -8.07
N VAL A 117 4.60 -8.90 -7.26
CA VAL A 117 3.33 -9.50 -7.65
C VAL A 117 2.41 -8.35 -8.08
N PRO A 118 2.40 -8.05 -9.38
CA PRO A 118 1.61 -6.99 -10.02
C PRO A 118 0.24 -6.69 -9.42
N ALA A 119 -0.64 -7.68 -9.39
CA ALA A 119 -1.97 -7.44 -8.85
C ALA A 119 -2.65 -8.70 -8.32
N ALA A 120 -2.51 -8.96 -7.04
CA ALA A 120 -3.11 -10.13 -6.43
C ALA A 120 -4.16 -9.70 -5.40
N SER A 121 -4.15 -8.42 -5.06
CA SER A 121 -5.10 -7.89 -4.09
C SER A 121 -5.65 -6.54 -4.52
N VAL A 122 -5.70 -6.31 -5.83
CA VAL A 122 -6.22 -5.06 -6.36
C VAL A 122 -7.68 -4.91 -5.89
N GLU A 123 -8.44 -5.98 -6.05
CA GLU A 123 -9.84 -5.99 -5.63
C GLU A 123 -9.92 -5.70 -4.14
N GLU A 124 -9.20 -6.52 -3.35
CA GLU A 124 -9.16 -6.36 -1.90
C GLU A 124 -8.95 -4.92 -1.47
N THR A 125 -8.02 -4.23 -2.12
CA THR A 125 -7.70 -2.85 -1.80
C THR A 125 -8.77 -1.88 -2.31
N ALA A 126 -9.23 -2.11 -3.54
CA ALA A 126 -10.26 -1.25 -4.12
C ALA A 126 -11.48 -1.26 -3.20
N ASP A 127 -11.92 -2.46 -2.85
CA ASP A 127 -13.08 -2.61 -1.97
C ASP A 127 -12.83 -1.92 -0.63
N SER A 128 -11.73 -2.26 0.01
CA SER A 128 -11.36 -1.67 1.29
C SER A 128 -11.26 -0.16 1.22
N THR A 129 -10.85 0.36 0.07
CA THR A 129 -10.71 1.79 -0.12
C THR A 129 -12.09 2.43 -0.10
N LEU A 130 -12.97 1.96 -0.98
CA LEU A 130 -14.33 2.50 -1.04
C LEU A 130 -14.98 2.38 0.33
N CYS A 131 -14.57 1.37 1.08
CA CYS A 131 -15.10 1.14 2.41
C CYS A 131 -14.74 2.31 3.33
N HIS A 132 -13.47 2.70 3.33
CA HIS A 132 -13.03 3.81 4.15
C HIS A 132 -13.73 5.09 3.71
N ILE A 133 -13.96 5.22 2.41
CA ILE A 133 -14.63 6.39 1.87
C ILE A 133 -16.06 6.45 2.38
N LEU A 134 -16.73 5.30 2.39
CA LEU A 134 -18.10 5.23 2.87
C LEU A 134 -18.19 5.46 4.38
N ASN A 135 -17.20 4.93 5.11
CA ASN A 135 -17.18 5.10 6.56
C ASN A 135 -17.01 6.56 6.95
N LEU A 136 -16.50 7.36 6.02
CA LEU A 136 -16.31 8.78 6.28
C LEU A 136 -17.60 9.50 5.94
N TYR A 137 -18.03 9.39 4.68
CA TYR A 137 -19.25 10.03 4.22
C TYR A 137 -20.48 9.59 4.98
N ARG A 138 -20.55 8.29 5.30
CA ARG A 138 -21.69 7.74 6.03
C ARG A 138 -21.48 7.67 7.54
N ARG A 139 -20.24 7.84 7.97
CA ARG A 139 -19.91 7.80 9.40
C ARG A 139 -20.40 6.54 10.11
N THR A 140 -20.47 5.42 9.40
CA THR A 140 -20.95 4.18 10.00
C THR A 140 -19.99 3.62 11.05
N THR A 141 -18.70 3.94 10.94
CA THR A 141 -17.72 3.46 11.90
C THR A 141 -17.79 4.19 13.23
N TRP A 142 -18.06 5.49 13.18
CA TRP A 142 -18.15 6.29 14.39
C TRP A 142 -19.50 6.12 15.07
N LEU A 143 -20.53 5.83 14.29
CA LEU A 143 -21.86 5.62 14.83
C LEU A 143 -21.79 4.42 15.77
N HIS A 144 -21.23 3.33 15.25
CA HIS A 144 -21.07 2.11 16.02
C HIS A 144 -20.25 2.38 17.27
N GLN A 145 -19.06 2.93 17.07
CA GLN A 145 -18.17 3.26 18.17
C GLN A 145 -18.92 4.07 19.24
N ALA A 146 -19.73 5.03 18.79
CA ALA A 146 -20.50 5.87 19.69
C ALA A 146 -21.44 5.04 20.55
N LEU A 147 -22.20 4.15 19.93
CA LEU A 147 -23.13 3.30 20.67
C LEU A 147 -22.37 2.40 21.62
N ARG A 148 -21.20 1.95 21.17
CA ARG A 148 -20.35 1.08 21.96
C ARG A 148 -19.89 1.75 23.25
N GLU A 149 -20.17 3.05 23.37
CA GLU A 149 -19.76 3.79 24.56
C GLU A 149 -20.92 4.30 25.39
N GLY A 150 -22.14 3.90 25.04
CA GLY A 150 -23.31 4.33 25.79
C GLY A 150 -24.06 5.51 25.19
N THR A 151 -23.66 5.95 24.01
CA THR A 151 -24.34 7.07 23.36
C THR A 151 -25.79 6.69 23.05
N ARG A 152 -26.72 7.24 23.83
CA ARG A 152 -28.14 6.97 23.66
C ARG A 152 -28.80 7.90 22.66
N VAL A 153 -29.42 7.32 21.62
CA VAL A 153 -30.10 8.09 20.59
C VAL A 153 -31.60 7.78 20.55
N GLN A 154 -32.40 8.73 21.02
CA GLN A 154 -33.86 8.55 21.05
C GLN A 154 -34.60 9.19 19.88
N SER A 155 -34.75 10.51 19.93
CA SER A 155 -35.46 11.24 18.89
C SER A 155 -34.63 11.42 17.62
N VAL A 156 -35.31 11.77 16.53
CA VAL A 156 -34.66 12.00 15.26
C VAL A 156 -33.73 13.20 15.47
N GLU A 157 -34.09 14.02 16.44
CA GLU A 157 -33.30 15.21 16.78
C GLU A 157 -31.87 14.79 17.09
N GLN A 158 -31.73 13.83 17.99
CA GLN A 158 -30.43 13.33 18.40
C GLN A 158 -29.72 12.63 17.24
N ILE A 159 -30.47 11.95 16.40
CA ILE A 159 -29.89 11.26 15.25
C ILE A 159 -29.08 12.23 14.39
N ARG A 160 -29.67 13.39 14.10
CA ARG A 160 -28.99 14.40 13.29
C ARG A 160 -27.78 14.96 14.01
N GLU A 161 -27.74 14.76 15.33
CA GLU A 161 -26.62 15.25 16.14
C GLU A 161 -25.46 14.27 16.13
N VAL A 162 -25.72 13.04 16.54
CA VAL A 162 -24.69 12.01 16.57
C VAL A 162 -24.17 11.73 15.17
N ALA A 163 -25.05 11.87 14.18
CA ALA A 163 -24.69 11.64 12.78
C ALA A 163 -24.35 12.94 12.07
N SER A 164 -24.30 14.03 12.83
CA SER A 164 -23.98 15.34 12.28
C SER A 164 -22.67 15.29 11.53
N GLY A 165 -22.75 15.17 10.20
CA GLY A 165 -21.57 15.10 9.38
C GLY A 165 -21.81 14.23 8.15
N ALA A 166 -22.71 13.27 8.31
CA ALA A 166 -23.06 12.36 7.22
C ALA A 166 -23.55 13.20 6.05
N ALA A 167 -22.84 13.09 4.92
CA ALA A 167 -23.20 13.85 3.74
C ALA A 167 -23.67 12.96 2.61
N ARG A 168 -24.27 13.60 1.60
CA ARG A 168 -24.77 12.90 0.42
C ARG A 168 -23.62 12.76 -0.58
N ILE A 169 -23.50 11.59 -1.18
CA ILE A 169 -22.44 11.32 -2.14
C ILE A 169 -22.80 11.71 -3.58
N ARG A 170 -24.09 11.61 -3.91
CA ARG A 170 -24.54 11.95 -5.26
C ARG A 170 -24.11 13.36 -5.65
N GLY A 171 -23.18 13.44 -6.60
CA GLY A 171 -22.69 14.73 -7.05
C GLY A 171 -21.28 15.03 -6.62
N GLU A 172 -20.92 14.62 -5.41
CA GLU A 172 -19.58 14.85 -4.87
C GLU A 172 -18.51 14.38 -5.85
N THR A 173 -17.42 15.14 -5.94
CA THR A 173 -16.32 14.80 -6.84
C THR A 173 -15.23 14.03 -6.09
N LEU A 174 -14.94 12.83 -6.57
CA LEU A 174 -13.92 12.00 -5.95
C LEU A 174 -12.59 12.25 -6.64
N GLY A 175 -11.64 12.81 -5.91
CA GLY A 175 -10.33 13.09 -6.48
C GLY A 175 -9.42 11.88 -6.33
N ILE A 176 -8.97 11.35 -7.46
CA ILE A 176 -8.08 10.19 -7.44
C ILE A 176 -6.69 10.55 -7.92
N ILE A 177 -5.69 10.25 -7.08
CA ILE A 177 -4.30 10.53 -7.43
C ILE A 177 -3.62 9.20 -7.70
N GLY A 178 -3.42 8.91 -8.99
CA GLY A 178 -2.80 7.66 -9.39
C GLY A 178 -3.87 6.72 -9.89
N LEU A 179 -3.96 6.57 -11.22
CA LEU A 179 -4.97 5.71 -11.80
C LEU A 179 -4.37 4.38 -12.25
N GLY A 180 -3.79 3.66 -11.29
CA GLY A 180 -3.20 2.37 -11.62
C GLY A 180 -4.19 1.24 -11.44
N ARG A 181 -3.67 0.01 -11.30
CA ARG A 181 -4.53 -1.15 -11.13
C ARG A 181 -5.59 -0.89 -10.07
N VAL A 182 -5.14 -0.49 -8.87
CA VAL A 182 -6.08 -0.20 -7.78
C VAL A 182 -6.91 1.03 -8.09
N GLY A 183 -6.23 2.13 -8.42
CA GLY A 183 -6.90 3.38 -8.74
C GLY A 183 -8.08 3.23 -9.68
N GLN A 184 -7.91 2.44 -10.74
CA GLN A 184 -8.97 2.22 -11.72
C GLN A 184 -10.15 1.47 -11.11
N ALA A 185 -9.86 0.43 -10.33
CA ALA A 185 -10.91 -0.35 -9.70
C ALA A 185 -11.76 0.55 -8.82
N VAL A 186 -11.12 1.50 -8.15
CA VAL A 186 -11.82 2.44 -7.29
C VAL A 186 -12.77 3.31 -8.08
N ALA A 187 -12.36 3.73 -9.27
CA ALA A 187 -13.17 4.57 -10.13
C ALA A 187 -14.43 3.88 -10.63
N LEU A 188 -14.34 2.57 -10.86
CA LEU A 188 -15.49 1.81 -11.33
C LEU A 188 -16.54 1.77 -10.24
N ARG A 189 -16.08 1.53 -9.01
CA ARG A 189 -16.97 1.47 -7.85
C ARG A 189 -17.44 2.86 -7.50
N ALA A 190 -16.55 3.84 -7.66
CA ALA A 190 -16.86 5.22 -7.35
C ALA A 190 -18.05 5.72 -8.16
N LYS A 191 -18.03 5.47 -9.47
CA LYS A 191 -19.13 5.92 -10.33
C LYS A 191 -20.46 5.30 -9.93
N ALA A 192 -20.40 4.10 -9.38
CA ALA A 192 -21.60 3.39 -8.96
C ALA A 192 -22.39 4.13 -7.88
N PHE A 193 -21.68 4.86 -7.02
CA PHE A 193 -22.34 5.60 -5.94
C PHE A 193 -22.73 7.02 -6.33
N GLY A 194 -22.54 7.35 -7.61
CA GLY A 194 -22.89 8.68 -8.07
C GLY A 194 -21.76 9.69 -7.99
N PHE A 195 -20.59 9.23 -7.58
CA PHE A 195 -19.41 10.10 -7.47
C PHE A 195 -19.03 10.69 -8.82
N ASN A 196 -18.44 11.88 -8.78
CA ASN A 196 -17.98 12.55 -9.99
C ASN A 196 -16.47 12.35 -9.98
N VAL A 197 -16.03 11.19 -10.46
CA VAL A 197 -14.62 10.84 -10.48
C VAL A 197 -13.76 11.63 -11.44
N LEU A 198 -12.54 11.94 -11.00
CA LEU A 198 -11.54 12.66 -11.80
C LEU A 198 -10.19 12.25 -11.24
N PHE A 199 -9.21 12.04 -12.10
CA PHE A 199 -7.91 11.59 -11.64
C PHE A 199 -6.72 12.42 -12.12
N TYR A 200 -5.55 12.09 -11.58
CA TYR A 200 -4.29 12.74 -11.90
C TYR A 200 -3.20 11.69 -11.91
N ASP A 201 -2.53 11.53 -13.05
CA ASP A 201 -1.47 10.54 -13.19
C ASP A 201 -0.52 11.00 -14.30
N PRO A 202 0.47 11.83 -13.96
CA PRO A 202 1.46 12.35 -14.92
C PRO A 202 2.09 11.31 -15.83
N TYR A 203 2.53 10.20 -15.24
CA TYR A 203 3.18 9.13 -15.99
C TYR A 203 2.23 8.23 -16.76
N LEU A 204 0.93 8.50 -16.66
CA LEU A 204 -0.05 7.68 -17.37
C LEU A 204 -0.22 8.10 -18.81
N SER A 205 -0.45 7.13 -19.68
CA SER A 205 -0.63 7.38 -21.11
C SER A 205 -1.89 8.21 -21.38
N ASP A 206 -1.85 8.98 -22.45
CA ASP A 206 -2.98 9.83 -22.83
C ASP A 206 -4.11 9.03 -23.48
N GLY A 207 -5.35 9.42 -23.18
CA GLY A 207 -6.49 8.73 -23.77
C GLY A 207 -7.22 7.75 -22.87
N ILE A 208 -6.50 7.17 -21.92
CA ILE A 208 -7.11 6.21 -21.00
C ILE A 208 -8.36 6.76 -20.33
N GLU A 209 -8.38 8.07 -20.08
CA GLU A 209 -9.54 8.68 -19.45
C GLU A 209 -10.78 8.49 -20.32
N ARG A 210 -10.59 8.59 -21.63
CA ARG A 210 -11.69 8.41 -22.58
C ARG A 210 -12.23 6.99 -22.53
N ALA A 211 -11.33 6.03 -22.58
CA ALA A 211 -11.69 4.62 -22.55
C ALA A 211 -12.51 4.28 -21.31
N LEU A 212 -12.17 4.90 -20.18
CA LEU A 212 -12.87 4.65 -18.93
C LEU A 212 -13.94 5.69 -18.64
N GLY A 213 -14.03 6.71 -19.49
CA GLY A 213 -15.03 7.74 -19.29
C GLY A 213 -14.84 8.45 -17.96
N LEU A 214 -13.63 8.99 -17.75
CA LEU A 214 -13.32 9.70 -16.52
C LEU A 214 -12.63 11.03 -16.83
N GLN A 215 -12.81 12.01 -15.95
CA GLN A 215 -12.20 13.32 -16.12
C GLN A 215 -10.75 13.27 -15.66
N ARG A 216 -9.85 13.85 -16.46
CA ARG A 216 -8.44 13.85 -16.13
C ARG A 216 -7.79 15.22 -16.07
N VAL A 217 -7.32 15.60 -14.87
CA VAL A 217 -6.66 16.88 -14.68
C VAL A 217 -5.18 16.67 -15.02
N SER A 218 -4.45 17.76 -15.24
CA SER A 218 -3.04 17.66 -15.59
C SER A 218 -2.08 18.00 -14.46
N THR A 219 -2.59 18.63 -13.40
CA THR A 219 -1.74 18.99 -12.27
C THR A 219 -2.41 18.69 -10.93
N LEU A 220 -1.60 18.30 -9.96
CA LEU A 220 -2.08 17.98 -8.62
C LEU A 220 -2.88 19.15 -8.06
N GLN A 221 -2.47 20.35 -8.41
CA GLN A 221 -3.14 21.55 -7.94
C GLN A 221 -4.59 21.58 -8.41
N ASP A 222 -4.81 21.20 -9.66
CA ASP A 222 -6.16 21.18 -10.24
C ASP A 222 -7.08 20.20 -9.52
N LEU A 223 -6.59 18.99 -9.29
CA LEU A 223 -7.36 17.96 -8.62
C LEU A 223 -7.77 18.40 -7.22
N LEU A 224 -6.79 18.66 -6.38
CA LEU A 224 -7.04 19.09 -5.01
C LEU A 224 -8.02 20.27 -4.96
N PHE A 225 -8.07 21.03 -6.05
CA PHE A 225 -8.94 22.19 -6.14
C PHE A 225 -10.38 21.80 -6.49
N HIS A 226 -10.52 20.76 -7.31
CA HIS A 226 -11.83 20.28 -7.73
C HIS A 226 -12.28 19.03 -6.98
N SER A 227 -11.67 18.75 -5.83
CA SER A 227 -12.03 17.55 -5.08
C SER A 227 -12.63 17.79 -3.69
N ASP A 228 -13.59 16.95 -3.34
CA ASP A 228 -14.26 17.01 -2.05
C ASP A 228 -13.71 15.86 -1.21
N CYS A 229 -13.16 14.87 -1.90
CA CYS A 229 -12.57 13.70 -1.27
C CYS A 229 -11.37 13.26 -2.09
N VAL A 230 -10.19 13.32 -1.49
CA VAL A 230 -8.97 12.91 -2.16
C VAL A 230 -8.48 11.57 -1.63
N THR A 231 -8.18 10.65 -2.54
CA THR A 231 -7.69 9.33 -2.17
C THR A 231 -6.41 9.02 -2.93
N LEU A 232 -5.43 8.49 -2.21
CA LEU A 232 -4.13 8.16 -2.81
C LEU A 232 -4.03 6.72 -3.30
N HIS A 233 -3.64 6.57 -4.56
CA HIS A 233 -3.49 5.26 -5.19
C HIS A 233 -2.30 5.27 -6.13
N CYS A 234 -1.27 6.01 -5.74
CA CYS A 234 -0.05 6.11 -6.54
C CYS A 234 1.12 5.43 -5.86
N GLY A 235 2.01 4.85 -6.66
CA GLY A 235 3.17 4.17 -6.12
C GLY A 235 4.20 5.14 -5.57
N LEU A 236 4.63 4.92 -4.34
CA LEU A 236 5.62 5.79 -3.71
C LEU A 236 6.96 5.73 -4.40
N ASN A 237 7.63 6.88 -4.49
CA ASN A 237 8.94 6.96 -5.12
C ASN A 237 9.70 8.20 -4.64
N GLU A 238 10.67 8.63 -5.44
CA GLU A 238 11.49 9.78 -5.10
C GLU A 238 10.84 11.14 -5.36
N HIS A 239 9.84 11.17 -6.24
CA HIS A 239 9.18 12.43 -6.56
C HIS A 239 7.91 12.75 -5.79
N ASN A 240 7.12 11.72 -5.48
CA ASN A 240 5.86 11.94 -4.76
C ASN A 240 5.95 11.83 -3.24
N HIS A 241 7.16 11.69 -2.71
CA HIS A 241 7.31 11.60 -1.26
C HIS A 241 6.75 12.86 -0.63
N HIS A 242 6.00 12.70 0.46
CA HIS A 242 5.40 13.84 1.14
C HIS A 242 4.55 14.66 0.17
N LEU A 243 3.91 13.97 -0.79
CA LEU A 243 3.07 14.62 -1.78
C LEU A 243 2.09 15.56 -1.08
N ILE A 244 1.49 15.08 0.00
CA ILE A 244 0.54 15.87 0.76
C ILE A 244 1.27 16.53 1.93
N ASN A 245 1.44 17.84 1.85
CA ASN A 245 2.12 18.59 2.88
C ASN A 245 1.37 19.89 3.17
N ASP A 246 1.80 20.63 4.19
CA ASP A 246 1.15 21.87 4.56
C ASP A 246 0.83 22.76 3.36
N PHE A 247 1.69 22.70 2.34
CA PHE A 247 1.49 23.51 1.13
C PHE A 247 0.36 22.98 0.27
N THR A 248 0.40 21.69 -0.05
CA THR A 248 -0.62 21.07 -0.88
C THR A 248 -1.96 20.99 -0.15
N VAL A 249 -1.91 20.97 1.17
CA VAL A 249 -3.13 20.92 1.97
C VAL A 249 -3.89 22.23 1.78
N LYS A 250 -3.13 23.32 1.64
CA LYS A 250 -3.73 24.63 1.43
C LYS A 250 -4.41 24.64 0.07
N GLN A 251 -3.99 23.74 -0.80
CA GLN A 251 -4.55 23.64 -2.14
C GLN A 251 -5.84 22.82 -2.13
N MET A 252 -6.09 22.12 -1.03
CA MET A 252 -7.29 21.32 -0.90
C MET A 252 -8.47 22.20 -0.49
N ARG A 253 -9.67 21.63 -0.55
CA ARG A 253 -10.88 22.36 -0.18
C ARG A 253 -11.14 22.24 1.32
N GLN A 254 -12.09 23.03 1.80
CA GLN A 254 -12.46 23.02 3.20
C GLN A 254 -13.32 21.79 3.51
N GLY A 255 -13.01 21.12 4.62
CA GLY A 255 -13.76 19.95 5.01
C GLY A 255 -13.62 18.80 4.02
N ALA A 256 -12.55 18.82 3.24
CA ALA A 256 -12.30 17.76 2.25
C ALA A 256 -11.88 16.48 2.96
N PHE A 257 -12.20 15.34 2.37
CA PHE A 257 -11.83 14.05 2.95
C PHE A 257 -10.54 13.52 2.36
N LEU A 258 -9.82 12.71 3.14
CA LEU A 258 -8.57 12.13 2.69
C LEU A 258 -8.56 10.63 2.95
N VAL A 259 -8.15 9.85 1.95
CA VAL A 259 -8.11 8.40 2.08
C VAL A 259 -6.78 7.89 1.50
N ASN A 260 -5.94 7.34 2.36
CA ASN A 260 -4.65 6.82 1.92
C ASN A 260 -4.50 5.34 2.21
N THR A 261 -4.61 4.52 1.16
CA THR A 261 -4.48 3.07 1.28
C THR A 261 -3.33 2.63 0.38
N ALA A 262 -2.38 3.54 0.16
CA ALA A 262 -1.23 3.26 -0.70
C ALA A 262 0.07 3.17 0.11
N ARG A 263 0.72 4.31 0.31
CA ARG A 263 1.97 4.34 1.06
C ARG A 263 2.00 5.50 2.06
N GLY A 264 2.44 5.20 3.27
CA GLY A 264 2.50 6.21 4.33
C GLY A 264 3.34 7.43 4.03
N GLY A 265 4.42 7.25 3.26
CA GLY A 265 5.29 8.37 2.93
C GLY A 265 4.61 9.41 2.07
N LEU A 266 3.45 9.05 1.51
CA LEU A 266 2.71 9.96 0.64
C LEU A 266 2.10 11.14 1.39
N VAL A 267 1.78 10.94 2.66
CA VAL A 267 1.17 12.00 3.47
C VAL A 267 2.03 12.42 4.65
N ASP A 268 2.10 13.72 4.89
CA ASP A 268 2.89 14.25 6.01
C ASP A 268 2.00 14.24 7.26
N GLU A 269 2.09 13.16 8.02
CA GLU A 269 1.31 12.97 9.23
C GLU A 269 1.17 14.23 10.09
N LYS A 270 2.22 15.05 10.10
CA LYS A 270 2.20 16.28 10.89
C LYS A 270 1.24 17.30 10.29
N ALA A 271 1.36 17.53 8.98
CA ALA A 271 0.50 18.47 8.28
C ALA A 271 -0.96 18.05 8.38
N LEU A 272 -1.19 16.75 8.20
CA LEU A 272 -2.54 16.19 8.28
C LEU A 272 -3.09 16.32 9.69
N ALA A 273 -2.26 15.97 10.67
CA ALA A 273 -2.67 16.05 12.07
C ALA A 273 -3.08 17.47 12.40
N GLN A 274 -2.38 18.44 11.82
CA GLN A 274 -2.67 19.84 12.06
C GLN A 274 -3.97 20.24 11.36
N ALA A 275 -4.11 19.82 10.11
CA ALA A 275 -5.29 20.12 9.33
C ALA A 275 -6.55 19.55 9.99
N LEU A 276 -6.47 18.27 10.38
CA LEU A 276 -7.60 17.60 11.04
C LEU A 276 -8.05 18.40 12.26
N LYS A 277 -7.09 18.85 13.06
CA LYS A 277 -7.38 19.62 14.26
C LYS A 277 -8.03 20.96 13.93
N GLU A 278 -7.43 21.68 12.98
CA GLU A 278 -7.96 22.98 12.58
C GLU A 278 -9.32 22.86 11.91
N GLY A 279 -9.58 21.71 11.32
CA GLY A 279 -10.85 21.49 10.65
C GLY A 279 -10.81 21.69 9.15
N ARG A 280 -9.62 22.01 8.63
CA ARG A 280 -9.45 22.22 7.19
C ARG A 280 -9.71 20.93 6.43
N ILE A 281 -9.81 19.84 7.19
CA ILE A 281 -10.08 18.52 6.64
C ILE A 281 -11.12 17.87 7.53
N ARG A 282 -12.32 17.67 6.99
CA ARG A 282 -13.42 17.09 7.75
C ARG A 282 -13.19 15.65 8.21
N GLY A 283 -12.20 14.98 7.64
CA GLY A 283 -11.94 13.61 8.03
C GLY A 283 -10.75 12.98 7.34
N ALA A 284 -10.43 11.75 7.72
CA ALA A 284 -9.30 11.04 7.12
C ALA A 284 -9.33 9.54 7.43
N ALA A 285 -8.99 8.74 6.43
CA ALA A 285 -8.96 7.30 6.54
C ALA A 285 -7.55 6.85 6.11
N LEU A 286 -6.86 6.12 6.98
CA LEU A 286 -5.52 5.67 6.67
C LEU A 286 -5.27 4.20 6.97
N ASP A 287 -4.83 3.47 5.95
CA ASP A 287 -4.52 2.05 6.10
C ASP A 287 -3.00 1.92 6.13
N VAL A 288 -2.33 2.94 5.61
CA VAL A 288 -0.87 2.97 5.58
C VAL A 288 -0.41 4.23 6.31
N HIS A 289 0.67 4.12 7.06
CA HIS A 289 1.18 5.27 7.81
C HIS A 289 2.69 5.42 7.68
N GLU A 290 3.17 6.64 7.89
CA GLU A 290 4.59 6.94 7.81
C GLU A 290 5.39 5.96 8.66
N SER A 291 4.96 5.82 9.91
CA SER A 291 5.64 4.93 10.85
C SER A 291 4.81 3.70 11.20
N GLU A 292 5.15 2.57 10.59
CA GLU A 292 4.45 1.32 10.84
C GLU A 292 5.34 0.41 11.67
N PRO A 293 4.75 -0.33 12.64
CA PRO A 293 3.32 -0.34 12.97
C PRO A 293 2.79 1.03 13.43
N PHE A 294 1.49 1.23 13.28
CA PHE A 294 0.85 2.48 13.67
C PHE A 294 0.21 2.35 15.06
N SER A 295 0.03 3.49 15.72
CA SER A 295 -0.58 3.53 17.04
C SER A 295 -1.17 4.91 17.32
N PHE A 296 -2.43 4.93 17.77
CA PHE A 296 -3.11 6.19 18.07
C PHE A 296 -2.48 6.90 19.26
N SER A 297 -1.49 6.25 19.87
CA SER A 297 -0.83 6.83 21.04
C SER A 297 0.40 7.66 20.67
N GLN A 298 1.25 7.13 19.79
CA GLN A 298 2.45 7.86 19.38
C GLN A 298 2.34 8.35 17.94
N GLY A 299 2.96 9.49 17.68
CA GLY A 299 2.93 10.06 16.34
C GLY A 299 2.11 11.34 16.29
N PRO A 300 2.17 12.08 15.17
CA PRO A 300 1.43 13.34 15.01
C PRO A 300 -0.08 13.17 15.19
N LEU A 301 -0.62 12.08 14.67
CA LEU A 301 -2.05 11.80 14.77
C LEU A 301 -2.42 11.32 16.17
N LYS A 302 -1.57 11.63 17.15
CA LYS A 302 -1.80 11.22 18.53
C LYS A 302 -3.19 11.67 18.99
N ASP A 303 -3.56 12.89 18.62
CA ASP A 303 -4.85 13.44 19.00
C ASP A 303 -5.49 14.17 17.82
N ALA A 304 -5.73 13.44 16.73
CA ALA A 304 -6.34 14.01 15.53
C ALA A 304 -7.82 13.65 15.45
N PRO A 305 -8.69 14.65 15.25
CA PRO A 305 -10.13 14.44 15.15
C PRO A 305 -10.53 13.70 13.88
N ASN A 306 -11.72 13.11 13.87
CA ASN A 306 -12.22 12.38 12.71
C ASN A 306 -11.09 11.59 12.05
N LEU A 307 -10.70 10.48 12.66
CA LEU A 307 -9.61 9.68 12.10
C LEU A 307 -9.88 8.18 12.16
N ILE A 308 -9.83 7.54 10.99
CA ILE A 308 -10.03 6.10 10.88
C ILE A 308 -8.73 5.47 10.40
N CYS A 309 -8.29 4.41 11.06
CA CYS A 309 -7.05 3.74 10.69
C CYS A 309 -7.14 2.23 10.71
N THR A 310 -6.49 1.60 9.73
CA THR A 310 -6.47 0.16 9.63
C THR A 310 -5.01 -0.31 9.59
N PRO A 311 -4.74 -1.51 10.13
CA PRO A 311 -3.41 -2.11 10.20
C PRO A 311 -2.80 -2.55 8.87
N HIS A 312 -2.77 -1.65 7.89
CA HIS A 312 -2.20 -1.99 6.58
C HIS A 312 -2.68 -3.37 6.15
N ALA A 313 -4.00 -3.59 6.20
CA ALA A 313 -4.56 -4.88 5.82
C ALA A 313 -5.60 -4.81 4.70
N ALA A 314 -5.67 -3.66 4.04
CA ALA A 314 -6.62 -3.48 2.94
C ALA A 314 -6.41 -4.56 1.88
N TRP A 315 -5.18 -5.03 1.79
CA TRP A 315 -4.79 -6.05 0.81
C TRP A 315 -5.20 -7.46 1.23
N TYR A 316 -5.35 -7.68 2.54
CA TYR A 316 -5.67 -9.01 3.04
C TYR A 316 -6.95 -9.67 2.54
N SER A 317 -6.84 -10.99 2.37
CA SER A 317 -7.90 -11.85 1.91
C SER A 317 -7.27 -13.23 1.83
N GLU A 318 -7.89 -14.23 2.46
CA GLU A 318 -7.32 -15.57 2.43
C GLU A 318 -7.04 -16.02 1.01
N GLN A 319 -7.87 -15.57 0.06
CA GLN A 319 -7.70 -15.93 -1.34
C GLN A 319 -6.55 -15.16 -1.97
N ALA A 320 -6.51 -13.85 -1.72
CA ALA A 320 -5.47 -13.00 -2.27
C ALA A 320 -4.10 -13.28 -1.68
N SER A 321 -4.08 -13.64 -0.40
CA SER A 321 -2.84 -13.92 0.30
C SER A 321 -2.12 -15.11 -0.31
N ILE A 322 -2.82 -16.25 -0.38
CA ILE A 322 -2.25 -17.45 -0.97
C ILE A 322 -1.93 -17.24 -2.44
N GLU A 323 -2.80 -16.51 -3.13
CA GLU A 323 -2.63 -16.24 -4.55
C GLU A 323 -1.31 -15.54 -4.86
N MET A 324 -1.01 -14.47 -4.13
CA MET A 324 0.21 -13.72 -4.36
C MET A 324 1.45 -14.50 -3.94
N ARG A 325 1.31 -15.29 -2.88
CA ARG A 325 2.42 -16.09 -2.38
C ARG A 325 2.78 -17.21 -3.35
N GLU A 326 1.76 -17.79 -3.99
CA GLU A 326 1.99 -18.85 -4.96
C GLU A 326 2.65 -18.26 -6.19
N GLU A 327 2.35 -16.99 -6.47
CA GLU A 327 2.93 -16.31 -7.62
C GLU A 327 4.41 -16.05 -7.37
N ALA A 328 4.71 -15.41 -6.24
CA ALA A 328 6.08 -15.12 -5.88
C ALA A 328 6.88 -16.42 -5.88
N ALA A 329 6.24 -17.49 -5.41
CA ALA A 329 6.87 -18.79 -5.35
C ALA A 329 7.28 -19.24 -6.75
N ARG A 330 6.41 -18.98 -7.73
CA ARG A 330 6.72 -19.36 -9.11
C ARG A 330 7.87 -18.55 -9.65
N GLU A 331 7.87 -17.24 -9.37
CA GLU A 331 8.92 -16.36 -9.83
C GLU A 331 10.28 -16.87 -9.35
N ILE A 332 10.34 -17.28 -8.09
CA ILE A 332 11.56 -17.81 -7.50
C ILE A 332 12.00 -19.06 -8.27
N ARG A 333 11.04 -19.82 -8.76
CA ARG A 333 11.33 -21.03 -9.51
C ARG A 333 11.66 -20.75 -10.97
N ARG A 334 10.99 -19.76 -11.56
CA ARG A 334 11.26 -19.41 -12.95
C ARG A 334 12.72 -18.97 -13.03
N ALA A 335 13.27 -18.57 -11.90
CA ALA A 335 14.65 -18.13 -11.81
C ALA A 335 15.58 -19.32 -11.60
N ILE A 336 15.42 -19.99 -10.45
CA ILE A 336 16.25 -21.15 -10.12
C ILE A 336 16.23 -22.20 -11.22
N THR A 337 15.15 -22.22 -12.01
CA THR A 337 15.02 -23.18 -13.09
C THR A 337 15.34 -22.55 -14.44
N GLY A 338 14.83 -21.35 -14.66
CA GLY A 338 15.06 -20.67 -15.92
C GLY A 338 16.33 -19.84 -15.97
N ARG A 339 16.22 -18.66 -16.57
CA ARG A 339 17.37 -17.76 -16.70
C ARG A 339 17.00 -16.30 -16.43
N ILE A 340 17.82 -15.65 -15.62
CA ILE A 340 17.60 -14.24 -15.27
C ILE A 340 18.07 -13.36 -16.42
N PRO A 341 17.23 -12.40 -16.86
CA PRO A 341 15.90 -12.10 -16.34
C PRO A 341 14.81 -12.52 -17.31
N ASP A 342 15.21 -12.89 -18.52
CA ASP A 342 14.28 -13.30 -19.57
C ASP A 342 13.33 -14.46 -19.21
N SER A 343 13.44 -14.96 -17.99
CA SER A 343 12.57 -16.05 -17.53
C SER A 343 11.69 -15.57 -16.39
N LEU A 344 11.67 -14.26 -16.18
CA LEU A 344 10.88 -13.65 -15.12
C LEU A 344 9.71 -12.89 -15.74
N LYS A 345 8.49 -13.22 -15.32
CA LYS A 345 7.30 -12.59 -15.86
C LYS A 345 7.03 -11.20 -15.27
N ASN A 346 7.43 -10.98 -14.02
CA ASN A 346 7.21 -9.70 -13.37
C ASN A 346 8.45 -9.11 -12.71
N CYS A 347 9.40 -8.64 -13.52
CA CYS A 347 10.61 -8.03 -12.99
C CYS A 347 10.46 -6.52 -13.01
N VAL A 348 11.16 -5.82 -12.11
CA VAL A 348 11.07 -4.37 -12.04
C VAL A 348 12.37 -3.64 -12.34
N ASN A 349 13.44 -4.39 -12.61
CA ASN A 349 14.72 -3.79 -12.91
C ASN A 349 15.40 -4.42 -14.12
N LYS A 350 14.59 -4.95 -15.04
CA LYS A 350 15.10 -5.58 -16.26
C LYS A 350 15.87 -4.58 -17.12
N ASP A 351 15.75 -3.30 -16.78
CA ASP A 351 16.43 -2.25 -17.53
C ASP A 351 17.52 -1.56 -16.72
N HIS A 352 17.84 -2.13 -15.56
CA HIS A 352 18.89 -1.55 -14.72
C HIS A 352 20.09 -2.48 -14.61
N LEU A 353 20.02 -3.61 -15.30
CA LEU A 353 21.09 -4.59 -15.31
C LEU A 353 20.72 -5.76 -16.21
N THR A 354 21.55 -6.62 -16.53
N PRO B 1 11.25 -24.71 5.79
CA PRO B 1 10.96 -25.47 7.00
C PRO B 1 12.08 -25.49 8.05
N ILE B 2 13.21 -24.96 7.60
CA ILE B 2 14.46 -24.78 8.37
C ILE B 2 14.38 -23.50 9.26
N ASP B 3 14.62 -23.62 10.57
CA ASP B 3 14.56 -22.46 11.44
C ASP B 3 15.87 -21.67 11.40
N LEU B 4 15.94 -20.69 10.51
CA LEU B 4 17.16 -19.88 10.39
C LEU B 4 17.02 -18.56 11.16
N SER B 5 16.13 -18.59 12.14
CA SER B 5 15.97 -17.42 12.99
C SER B 5 17.14 -17.26 13.94
N LYS B 6 17.72 -16.09 14.04
CA LYS B 6 18.89 -15.88 14.91
C LYS B 6 18.55 -16.28 16.34
N LYS B 7 18.66 -17.57 16.61
CA LYS B 7 18.40 -18.13 17.95
C LYS B 7 17.17 -17.55 18.65
#